data_8PTF
#
_entry.id   8PTF
#
_cell.length_a   52.724
_cell.length_b   145.391
_cell.length_c   116.382
_cell.angle_alpha   90.00
_cell.angle_beta   90.00
_cell.angle_gamma   90.00
#
_symmetry.space_group_name_H-M   'C 2 2 21'
#
loop_
_entity.id
_entity.type
_entity.pdbx_description
1 polymer 'YncE family protein'
2 non-polymer COB(II)INAMIDE
3 non-polymer 'methylammonium ion'
4 non-polymer 'SODIUM ION'
5 water water
#
_entity_poly.entity_id   1
_entity_poly.type   'polypeptide(L)'
_entity_poly.pdbx_seq_one_letter_code
;ESNGDVFETGTAEMYILSEGLFNQNNSSLARYSFNRQRCTNNYFSANNQRGLGDTANDIAIYGNKIYVVVNVSSTVEVID
FPTGKSIRQISMLRDNGSSRQPRAIAFDKDKAYICSYDGTVARIDTTSLEIEEIVTVGRNAEDICVQNGKLYVSNSGGLD
YSGPGVDTTVSVIDITTFKETKKIEVGPNPGKILPGLEEAVYVVTRGTDIEAGDYHLVKIDSRTDAVAITYDEKVLSFAI
DGPIAYLYTYDYQTKDSANKVFDLNAGTVIRDNFITDGTAIQTPFSIQLNPFSGNIYITEAYNYTVKGDVLCFNQQGQLQ
YRLNDIGLNPNTVVFSDKASQN
;
_entity_poly.pdbx_strand_id   A
#
# COMPACT_ATOMS: atom_id res chain seq x y z
N GLU A 1 10.66 9.77 20.57
CA GLU A 1 9.95 10.67 19.63
C GLU A 1 10.62 10.60 18.25
N SER A 2 11.93 10.88 18.18
CA SER A 2 12.68 10.85 16.90
C SER A 2 14.17 10.63 17.16
N ASN A 3 14.87 10.04 16.21
CA ASN A 3 16.32 9.88 16.26
C ASN A 3 16.97 10.15 14.89
N GLY A 4 18.07 10.92 14.89
CA GLY A 4 18.70 11.41 13.68
C GLY A 4 18.16 12.79 13.30
N ASP A 5 18.89 13.48 12.42
CA ASP A 5 18.40 14.76 11.93
C ASP A 5 17.27 14.43 10.95
N VAL A 6 16.04 14.84 11.28
CA VAL A 6 14.86 14.47 10.52
C VAL A 6 14.79 15.39 9.32
N PHE A 7 15.03 14.84 8.13
CA PHE A 7 15.41 15.71 7.04
C PHE A 7 15.05 15.03 5.73
N GLU A 8 14.51 15.75 4.74
CA GLU A 8 14.25 15.09 3.48
C GLU A 8 14.60 15.96 2.29
N THR A 9 14.88 15.34 1.15
CA THR A 9 15.14 16.12 -0.05
C THR A 9 13.83 16.27 -0.82
N GLY A 10 13.58 17.49 -1.28
CA GLY A 10 12.52 17.75 -2.24
C GLY A 10 11.12 17.48 -1.69
N THR A 11 10.95 17.52 -0.37
CA THR A 11 9.69 17.03 0.16
C THR A 11 9.21 17.98 1.25
N ALA A 12 7.98 18.48 1.15
CA ALA A 12 7.47 19.34 2.22
C ALA A 12 6.98 18.51 3.42
N GLU A 13 6.25 17.41 3.15
CA GLU A 13 5.62 16.64 4.22
C GLU A 13 5.42 15.19 3.83
N MET A 14 5.29 14.34 4.87
CA MET A 14 4.91 12.94 4.71
C MET A 14 3.73 12.63 5.61
N TYR A 15 2.91 11.68 5.15
CA TYR A 15 1.82 11.15 5.95
C TYR A 15 2.01 9.66 6.20
N ILE A 16 1.79 9.25 7.46
CA ILE A 16 1.91 7.86 7.86
C ILE A 16 0.55 7.35 8.32
N LEU A 17 0.07 6.28 7.67
CA LEU A 17 -1.22 5.66 8.00
C LEU A 17 -1.04 4.47 8.92
N SER A 18 -1.75 4.49 10.05
CA SER A 18 -1.69 3.41 11.00
C SER A 18 -3.04 2.71 11.04
N GLU A 19 -3.00 1.35 10.98
CA GLU A 19 -4.24 0.59 10.93
C GLU A 19 -4.80 0.29 12.33
N GLY A 20 -3.99 0.46 13.38
CA GLY A 20 -4.44 0.04 14.68
C GLY A 20 -4.67 -1.47 14.68
N LEU A 21 -5.75 -1.90 15.33
CA LEU A 21 -6.01 -3.32 15.47
C LEU A 21 -7.45 -3.61 15.07
N PHE A 22 -7.60 -4.76 14.40
CA PHE A 22 -8.88 -5.27 13.95
C PHE A 22 -9.91 -5.10 15.06
N ASN A 23 -11.01 -4.42 14.74
CA ASN A 23 -12.15 -4.21 15.61
C ASN A 23 -11.79 -3.40 16.86
N GLN A 24 -10.77 -2.53 16.79
CA GLN A 24 -10.54 -1.67 17.94
CA GLN A 24 -10.44 -1.66 17.91
C GLN A 24 -10.76 -0.20 17.55
N ASN A 25 -11.35 0.00 16.37
CA ASN A 25 -11.72 1.29 15.79
C ASN A 25 -10.65 2.39 15.95
N ASN A 26 -9.37 2.04 15.86
CA ASN A 26 -8.31 2.93 16.31
C ASN A 26 -7.23 3.07 15.23
N SER A 27 -7.63 3.15 13.95
CA SER A 27 -6.71 3.61 12.90
C SER A 27 -6.30 5.04 13.19
N SER A 28 -5.18 5.52 12.62
CA SER A 28 -4.83 6.92 12.82
C SER A 28 -3.98 7.42 11.66
N LEU A 29 -3.85 8.75 11.56
CA LEU A 29 -3.09 9.37 10.49
C LEU A 29 -2.13 10.43 11.05
N ALA A 30 -0.85 10.20 10.80
CA ALA A 30 0.17 11.10 11.29
C ALA A 30 0.74 11.95 10.15
N ARG A 31 1.25 13.13 10.53
CA ARG A 31 1.83 14.05 9.58
C ARG A 31 3.12 14.60 10.16
N TYR A 32 4.22 14.46 9.40
CA TYR A 32 5.46 15.13 9.79
C TYR A 32 5.78 16.23 8.78
N SER A 33 5.73 17.50 9.20
CA SER A 33 6.07 18.58 8.28
C SER A 33 7.59 18.76 8.26
N PHE A 34 8.21 18.66 7.07
CA PHE A 34 9.63 18.94 6.95
C PHE A 34 9.82 20.45 7.00
N ASN A 35 8.99 21.19 6.24
CA ASN A 35 9.01 22.64 6.25
C ASN A 35 9.02 23.12 7.70
N ARG A 36 7.92 22.86 8.43
CA ARG A 36 7.70 23.37 9.79
C ARG A 36 8.50 22.58 10.85
N GLN A 37 9.06 21.41 10.50
CA GLN A 37 9.75 20.56 11.47
C GLN A 37 8.81 20.16 12.61
N ARG A 38 7.66 19.56 12.27
CA ARG A 38 6.58 19.37 13.23
C ARG A 38 5.80 18.08 12.95
N CYS A 39 5.69 17.22 13.99
CA CYS A 39 4.98 15.95 13.92
C CYS A 39 3.61 16.04 14.59
N THR A 40 2.55 15.75 13.84
CA THR A 40 1.24 15.62 14.46
C THR A 40 0.74 14.18 14.29
N ASN A 41 0.57 13.44 15.40
CA ASN A 41 0.20 12.04 15.44
C ASN A 41 -1.23 11.75 14.97
N ASN A 42 -2.14 12.69 15.24
CA ASN A 42 -3.56 12.41 15.20
C ASN A 42 -4.19 13.43 14.26
N TYR A 43 -3.58 13.56 13.09
CA TYR A 43 -3.88 14.67 12.20
C TYR A 43 -5.32 14.55 11.64
N PHE A 44 -5.86 13.35 11.58
CA PHE A 44 -7.21 13.32 11.06
C PHE A 44 -8.19 13.80 12.12
N SER A 45 -8.08 13.19 13.30
CA SER A 45 -9.01 13.48 14.37
C SER A 45 -8.82 14.93 14.85
N ALA A 46 -7.57 15.30 15.17
CA ALA A 46 -7.27 16.67 15.60
C ALA A 46 -8.00 17.69 14.73
N ASN A 47 -8.21 17.37 13.46
CA ASN A 47 -8.76 18.34 12.56
C ASN A 47 -10.24 18.10 12.27
N ASN A 48 -10.81 16.98 12.75
CA ASN A 48 -12.13 16.61 12.27
C ASN A 48 -13.02 16.08 13.38
N GLN A 49 -12.44 15.98 14.60
CA GLN A 49 -13.16 15.65 15.83
C GLN A 49 -13.91 14.32 15.67
N ARG A 50 -13.29 13.34 15.01
CA ARG A 50 -13.81 11.98 14.92
C ARG A 50 -12.69 11.13 14.33
N GLY A 51 -12.75 9.83 14.60
CA GLY A 51 -11.63 8.94 14.30
C GLY A 51 -11.69 8.49 12.85
N LEU A 52 -10.55 8.04 12.33
CA LEU A 52 -10.50 7.64 10.94
C LEU A 52 -11.29 6.34 10.73
N GLY A 53 -11.26 5.46 11.74
CA GLY A 53 -12.07 4.25 11.75
C GLY A 53 -11.25 2.97 11.96
N ASP A 54 -11.75 1.88 11.38
CA ASP A 54 -11.26 0.56 11.72
C ASP A 54 -10.53 -0.07 10.53
N THR A 55 -9.27 -0.47 10.73
CA THR A 55 -8.39 -1.07 9.72
C THR A 55 -8.23 -0.19 8.47
N ALA A 56 -7.69 1.04 8.65
CA ALA A 56 -7.27 1.88 7.54
C ALA A 56 -6.12 1.14 6.84
N ASN A 57 -6.25 0.96 5.54
CA ASN A 57 -5.42 -0.01 4.82
C ASN A 57 -4.67 0.62 3.63
N ASP A 58 -5.02 1.85 3.28
CA ASP A 58 -4.39 2.49 2.14
C ASP A 58 -4.54 4.01 2.29
N ILE A 59 -3.54 4.75 1.77
CA ILE A 59 -3.59 6.20 1.68
C ILE A 59 -2.85 6.67 0.42
N ALA A 60 -3.45 7.66 -0.25
CA ALA A 60 -2.90 8.30 -1.43
C ALA A 60 -3.27 9.79 -1.45
N ILE A 61 -2.32 10.63 -1.91
CA ILE A 61 -2.58 12.03 -2.21
C ILE A 61 -2.84 12.09 -3.71
N TYR A 62 -3.90 12.74 -4.15
CA TYR A 62 -4.01 12.94 -5.58
C TYR A 62 -5.01 14.06 -5.79
N GLY A 63 -4.73 14.86 -6.82
CA GLY A 63 -5.33 16.19 -6.92
C GLY A 63 -4.93 16.99 -5.69
N ASN A 64 -5.90 17.61 -5.07
CA ASN A 64 -5.54 18.37 -3.89
C ASN A 64 -6.32 17.77 -2.69
N LYS A 65 -6.39 16.43 -2.73
CA LYS A 65 -7.16 15.62 -1.80
C LYS A 65 -6.29 14.45 -1.35
N ILE A 66 -6.56 14.03 -0.11
CA ILE A 66 -6.04 12.80 0.46
C ILE A 66 -7.20 11.81 0.59
N TYR A 67 -6.96 10.57 0.14
CA TYR A 67 -7.93 9.48 0.22
C TYR A 67 -7.39 8.39 1.15
N VAL A 68 -8.23 7.94 2.10
CA VAL A 68 -7.92 6.86 3.03
C VAL A 68 -8.97 5.78 2.83
N VAL A 69 -8.51 4.57 2.49
CA VAL A 69 -9.40 3.44 2.33
C VAL A 69 -9.49 2.74 3.68
N VAL A 70 -10.71 2.64 4.20
CA VAL A 70 -10.95 2.11 5.55
C VAL A 70 -11.75 0.81 5.44
N ASN A 71 -11.08 -0.29 5.77
CA ASN A 71 -11.51 -1.62 5.38
C ASN A 71 -12.72 -2.04 6.22
N VAL A 72 -12.54 -1.99 7.54
CA VAL A 72 -13.59 -2.53 8.39
C VAL A 72 -14.75 -1.54 8.47
N SER A 73 -14.47 -0.23 8.61
CA SER A 73 -15.54 0.77 8.58
C SER A 73 -16.15 0.79 7.18
N SER A 74 -15.47 0.14 6.22
CA SER A 74 -15.93 0.08 4.84
C SER A 74 -16.24 1.46 4.28
N THR A 75 -15.25 2.36 4.37
CA THR A 75 -15.40 3.72 3.87
C THR A 75 -14.12 4.16 3.15
N VAL A 76 -14.30 5.15 2.26
CA VAL A 76 -13.19 5.96 1.79
C VAL A 76 -13.35 7.38 2.33
N GLU A 77 -12.51 7.73 3.29
CA GLU A 77 -12.43 9.08 3.79
C GLU A 77 -11.68 9.96 2.76
N VAL A 78 -12.31 11.05 2.30
CA VAL A 78 -11.64 12.03 1.44
C VAL A 78 -11.37 13.32 2.24
N ILE A 79 -10.13 13.78 2.20
CA ILE A 79 -9.65 14.90 3.00
C ILE A 79 -9.05 15.95 2.05
N ASP A 80 -9.48 17.21 2.20
CA ASP A 80 -8.91 18.35 1.51
C ASP A 80 -7.45 18.55 1.94
N PHE A 81 -6.52 18.49 0.96
CA PHE A 81 -5.10 18.46 1.28
C PHE A 81 -4.65 19.74 2.00
N PRO A 82 -4.98 20.94 1.49
CA PRO A 82 -4.52 22.18 2.13
C PRO A 82 -4.93 22.37 3.59
N THR A 83 -6.20 22.07 3.88
CA THR A 83 -6.76 22.32 5.20
C THR A 83 -6.68 21.10 6.12
N GLY A 84 -6.75 19.89 5.52
CA GLY A 84 -6.74 18.65 6.29
C GLY A 84 -8.10 18.31 6.89
N LYS A 85 -9.15 18.88 6.29
CA LYS A 85 -10.51 18.78 6.78
C LYS A 85 -11.30 17.78 5.93
N SER A 86 -12.11 16.98 6.60
CA SER A 86 -12.81 15.94 5.87
C SER A 86 -13.68 16.62 4.82
N ILE A 87 -13.62 16.14 3.56
CA ILE A 87 -14.54 16.61 2.53
C ILE A 87 -15.76 15.68 2.51
N ARG A 88 -15.50 14.39 2.70
CA ARG A 88 -16.53 13.40 2.47
C ARG A 88 -16.08 12.04 2.96
N GLN A 89 -17.04 11.30 3.53
CA GLN A 89 -16.89 9.90 3.87
C GLN A 89 -17.70 9.14 2.82
N ILE A 90 -17.06 8.35 1.93
CA ILE A 90 -17.84 7.61 0.95
C ILE A 90 -18.07 6.19 1.45
N SER A 91 -19.33 5.89 1.70
CA SER A 91 -19.70 4.60 2.23
C SER A 91 -19.67 3.52 1.13
N MET A 92 -18.91 2.43 1.36
CA MET A 92 -18.73 1.40 0.34
C MET A 92 -19.62 0.19 0.69
N LEU A 93 -20.74 0.05 -0.03
CA LEU A 93 -21.76 -0.92 0.35
C LEU A 93 -22.18 -1.78 -0.84
N ARG A 94 -22.38 -3.08 -0.56
CA ARG A 94 -23.04 -4.03 -1.45
C ARG A 94 -24.48 -3.53 -1.66
N ASP A 95 -25.10 -3.99 -2.74
CA ASP A 95 -26.48 -3.65 -3.08
C ASP A 95 -27.47 -3.88 -1.92
N ASN A 96 -27.21 -4.92 -1.10
CA ASN A 96 -28.00 -5.22 0.08
C ASN A 96 -27.67 -4.28 1.25
N GLY A 97 -26.74 -3.33 1.10
CA GLY A 97 -26.42 -2.40 2.17
C GLY A 97 -25.29 -2.86 3.11
N SER A 98 -24.72 -4.05 2.89
CA SER A 98 -23.61 -4.55 3.70
C SER A 98 -22.27 -3.95 3.23
N SER A 99 -21.27 -3.99 4.15
CA SER A 99 -19.87 -3.63 3.90
C SER A 99 -19.29 -4.34 2.67
N ARG A 100 -18.80 -3.56 1.68
CA ARG A 100 -17.90 -4.08 0.64
C ARG A 100 -16.52 -4.43 1.22
N GLN A 101 -16.03 -3.61 2.16
CA GLN A 101 -14.77 -3.83 2.86
C GLN A 101 -13.64 -3.50 1.87
N PRO A 102 -13.42 -2.20 1.60
CA PRO A 102 -12.52 -1.78 0.53
C PRO A 102 -11.09 -1.99 0.99
N ARG A 103 -10.17 -2.17 0.05
CA ARG A 103 -8.78 -2.50 0.38
C ARG A 103 -7.76 -1.45 -0.11
N ALA A 104 -7.97 -0.88 -1.31
CA ALA A 104 -6.90 -0.15 -1.98
C ALA A 104 -7.50 0.77 -3.04
N ILE A 105 -6.73 1.80 -3.38
CA ILE A 105 -7.21 2.80 -4.30
C ILE A 105 -6.10 3.07 -5.31
N ALA A 106 -6.49 3.38 -6.54
CA ALA A 106 -5.55 3.84 -7.55
C ALA A 106 -6.26 4.90 -8.40
N PHE A 107 -5.48 5.75 -9.09
CA PHE A 107 -6.07 6.90 -9.78
C PHE A 107 -5.73 6.87 -11.25
N ASP A 108 -6.66 7.36 -12.07
CA ASP A 108 -6.31 7.64 -13.44
C ASP A 108 -7.17 8.80 -13.91
N LYS A 109 -6.49 9.78 -14.50
CA LYS A 109 -7.13 11.02 -14.91
C LYS A 109 -7.79 11.66 -13.70
N ASP A 110 -9.09 11.91 -13.80
CA ASP A 110 -9.78 12.53 -12.68
C ASP A 110 -10.69 11.51 -12.00
N LYS A 111 -10.36 10.22 -12.16
CA LYS A 111 -11.16 9.13 -11.61
C LYS A 111 -10.32 8.37 -10.60
N ALA A 112 -10.97 7.92 -9.53
CA ALA A 112 -10.38 6.95 -8.64
C ALA A 112 -11.10 5.60 -8.78
N TYR A 113 -10.37 4.53 -8.44
CA TYR A 113 -10.77 3.14 -8.55
C TYR A 113 -10.40 2.46 -7.25
N ILE A 114 -11.42 1.88 -6.58
CA ILE A 114 -11.25 1.25 -5.28
C ILE A 114 -11.66 -0.22 -5.43
N CYS A 115 -10.78 -1.14 -4.98
CA CYS A 115 -11.07 -2.57 -5.04
C CYS A 115 -11.48 -3.00 -3.65
N SER A 116 -12.42 -3.95 -3.55
CA SER A 116 -12.88 -4.43 -2.25
C SER A 116 -12.89 -5.98 -2.14
N TYR A 117 -12.87 -6.47 -0.89
CA TYR A 117 -13.02 -7.86 -0.51
C TYR A 117 -14.24 -8.52 -1.13
N ASP A 118 -15.28 -7.78 -1.48
CA ASP A 118 -16.43 -8.40 -2.09
C ASP A 118 -16.23 -8.75 -3.58
N GLY A 119 -15.03 -8.49 -4.16
CA GLY A 119 -14.67 -8.88 -5.52
C GLY A 119 -15.11 -7.88 -6.57
N THR A 120 -15.11 -6.60 -6.20
CA THR A 120 -15.59 -5.53 -7.07
C THR A 120 -14.53 -4.44 -7.16
N VAL A 121 -14.66 -3.62 -8.20
CA VAL A 121 -13.93 -2.36 -8.24
C VAL A 121 -14.93 -1.23 -8.46
N ALA A 122 -14.78 -0.15 -7.67
CA ALA A 122 -15.68 1.00 -7.80
C ALA A 122 -14.95 2.17 -8.48
N ARG A 123 -15.57 2.74 -9.50
CA ARG A 123 -15.02 3.99 -10.01
C ARG A 123 -15.63 5.17 -9.28
N ILE A 124 -14.76 6.06 -8.80
CA ILE A 124 -15.22 7.27 -8.13
C ILE A 124 -14.65 8.48 -8.84
N ASP A 125 -15.52 9.48 -9.00
CA ASP A 125 -15.14 10.73 -9.62
C ASP A 125 -14.40 11.61 -8.61
N THR A 126 -13.37 12.34 -9.08
CA THR A 126 -12.51 13.04 -8.13
C THR A 126 -13.04 14.44 -7.87
N THR A 127 -14.04 14.88 -8.64
CA THR A 127 -14.65 16.18 -8.41
C THR A 127 -15.94 16.02 -7.59
N SER A 128 -16.91 15.28 -8.16
CA SER A 128 -18.18 15.01 -7.51
C SER A 128 -18.03 14.08 -6.30
N LEU A 129 -16.96 13.24 -6.28
CA LEU A 129 -16.74 12.27 -5.21
C LEU A 129 -17.92 11.30 -5.10
N GLU A 130 -18.58 11.04 -6.23
CA GLU A 130 -19.62 10.02 -6.26
C GLU A 130 -19.12 8.75 -6.94
N ILE A 131 -19.65 7.61 -6.47
CA ILE A 131 -19.44 6.32 -7.11
C ILE A 131 -20.19 6.37 -8.44
N GLU A 132 -19.54 6.09 -9.56
CA GLU A 132 -20.24 6.13 -10.85
C GLU A 132 -20.56 4.73 -11.31
N GLU A 133 -19.68 3.76 -11.06
CA GLU A 133 -19.82 2.45 -11.67
C GLU A 133 -19.19 1.37 -10.80
N ILE A 134 -19.62 0.11 -11.01
CA ILE A 134 -19.10 -1.05 -10.32
C ILE A 134 -18.72 -2.08 -11.38
N VAL A 135 -17.66 -2.84 -11.15
CA VAL A 135 -17.40 -3.93 -12.07
C VAL A 135 -16.89 -5.10 -11.25
N THR A 136 -17.14 -6.32 -11.70
CA THR A 136 -16.66 -7.42 -10.88
C THR A 136 -15.32 -7.92 -11.44
N VAL A 137 -14.44 -8.33 -10.50
CA VAL A 137 -13.13 -8.91 -10.73
C VAL A 137 -13.14 -10.37 -10.25
N GLY A 138 -12.09 -10.82 -9.59
CA GLY A 138 -12.09 -12.16 -9.00
C GLY A 138 -12.47 -12.08 -7.53
N ARG A 139 -11.97 -13.00 -6.72
CA ARG A 139 -12.36 -13.08 -5.30
C ARG A 139 -11.45 -12.27 -4.37
N ASN A 140 -12.04 -11.54 -3.41
CA ASN A 140 -11.33 -10.72 -2.43
C ASN A 140 -10.19 -9.92 -3.06
N ALA A 141 -10.52 -8.94 -3.89
CA ALA A 141 -9.57 -7.96 -4.39
C ALA A 141 -8.72 -7.36 -3.26
N GLU A 142 -7.40 -7.47 -3.37
CA GLU A 142 -6.47 -7.07 -2.33
C GLU A 142 -5.78 -5.72 -2.64
N ASP A 143 -5.47 -5.47 -3.92
CA ASP A 143 -4.65 -4.33 -4.29
C ASP A 143 -4.91 -4.01 -5.75
N ILE A 144 -4.55 -2.77 -6.13
CA ILE A 144 -4.86 -2.24 -7.46
C ILE A 144 -3.82 -1.20 -7.85
N CYS A 145 -3.38 -1.25 -9.12
CA CYS A 145 -2.60 -0.20 -9.73
C CYS A 145 -3.07 0.02 -11.17
N VAL A 146 -2.51 1.06 -11.83
CA VAL A 146 -2.71 1.42 -13.23
C VAL A 146 -1.38 1.22 -13.98
N GLN A 147 -1.54 0.79 -15.24
CA GLN A 147 -0.44 0.64 -16.22
C GLN A 147 -1.08 0.58 -17.62
N ASN A 148 -0.68 1.42 -18.57
CA ASN A 148 -1.15 1.33 -20.00
C ASN A 148 -2.68 1.38 -20.17
N GLY A 149 -3.32 2.44 -19.67
CA GLY A 149 -4.78 2.56 -19.84
C GLY A 149 -5.56 1.41 -19.22
N LYS A 150 -5.00 0.80 -18.18
CA LYS A 150 -5.62 -0.38 -17.58
C LYS A 150 -5.25 -0.46 -16.10
N LEU A 151 -6.16 -1.09 -15.34
CA LEU A 151 -6.06 -1.35 -13.92
C LEU A 151 -5.68 -2.81 -13.75
N TYR A 152 -4.92 -3.11 -12.72
CA TYR A 152 -4.60 -4.50 -12.49
C TYR A 152 -4.93 -4.77 -11.04
N VAL A 153 -5.80 -5.76 -10.81
CA VAL A 153 -6.34 -5.99 -9.47
C VAL A 153 -5.94 -7.38 -9.03
N SER A 154 -5.26 -7.45 -7.88
CA SER A 154 -4.93 -8.69 -7.25
C SER A 154 -6.18 -9.34 -6.66
N ASN A 155 -6.50 -10.54 -7.17
CA ASN A 155 -7.61 -11.34 -6.68
C ASN A 155 -7.06 -12.33 -5.65
N SER A 156 -6.88 -11.89 -4.40
CA SER A 156 -6.26 -12.69 -3.37
C SER A 156 -7.05 -13.97 -3.04
N GLY A 157 -8.40 -13.89 -3.11
CA GLY A 157 -9.26 -14.90 -2.48
C GLY A 157 -8.79 -15.20 -1.05
N GLY A 158 -8.16 -14.21 -0.41
CA GLY A 158 -7.59 -14.39 0.92
C GLY A 158 -8.60 -14.87 1.95
N LEU A 159 -9.80 -14.28 1.95
CA LEU A 159 -10.80 -14.62 3.00
C LEU A 159 -11.37 -16.04 2.76
N ASP A 160 -11.01 -16.67 1.65
CA ASP A 160 -11.53 -18.01 1.29
C ASP A 160 -10.51 -19.08 1.68
N TYR A 161 -9.48 -18.71 2.43
CA TYR A 161 -8.40 -19.65 2.85
C TYR A 161 -8.93 -21.01 3.30
N SER A 162 -10.16 -21.09 3.85
CA SER A 162 -10.64 -22.36 4.47
C SER A 162 -11.78 -22.99 3.66
N GLY A 163 -12.38 -22.23 2.76
CA GLY A 163 -13.44 -22.78 1.90
C GLY A 163 -12.91 -23.18 0.55
N PRO A 164 -13.29 -22.44 -0.52
CA PRO A 164 -12.87 -22.78 -1.88
C PRO A 164 -11.35 -22.66 -2.06
N GLY A 165 -10.69 -21.95 -1.16
CA GLY A 165 -9.23 -21.74 -1.24
C GLY A 165 -8.89 -20.37 -1.78
N VAL A 166 -7.62 -19.98 -1.66
CA VAL A 166 -7.19 -18.66 -2.16
C VAL A 166 -7.39 -18.56 -3.69
N ASP A 167 -7.43 -17.32 -4.23
CA ASP A 167 -7.56 -17.15 -5.66
C ASP A 167 -6.16 -17.05 -6.27
N THR A 168 -6.07 -16.91 -7.61
CA THR A 168 -4.78 -17.08 -8.25
C THR A 168 -4.58 -16.11 -9.42
N THR A 169 -5.46 -15.11 -9.58
CA THR A 169 -5.36 -14.28 -10.76
C THR A 169 -5.20 -12.78 -10.41
N VAL A 170 -4.68 -12.05 -11.40
CA VAL A 170 -4.79 -10.60 -11.50
C VAL A 170 -5.82 -10.24 -12.57
N SER A 171 -6.90 -9.51 -12.20
CA SER A 171 -7.84 -9.05 -13.20
C SER A 171 -7.27 -7.85 -13.92
N VAL A 172 -7.62 -7.70 -15.20
CA VAL A 172 -7.23 -6.55 -16.00
C VAL A 172 -8.51 -5.80 -16.34
N ILE A 173 -8.55 -4.49 -16.06
CA ILE A 173 -9.73 -3.73 -16.43
C ILE A 173 -9.31 -2.70 -17.47
N ASP A 174 -10.08 -2.58 -18.55
CA ASP A 174 -9.85 -1.54 -19.56
C ASP A 174 -10.54 -0.25 -19.12
N ILE A 175 -9.74 0.79 -18.87
CA ILE A 175 -10.21 2.03 -18.25
C ILE A 175 -11.28 2.70 -19.13
N THR A 176 -11.04 2.71 -20.43
CA THR A 176 -11.93 3.43 -21.31
C THR A 176 -13.33 2.83 -21.28
N THR A 177 -13.41 1.52 -21.14
CA THR A 177 -14.71 0.88 -21.18
C THR A 177 -15.15 0.45 -19.79
N PHE A 178 -14.25 0.54 -18.81
CA PHE A 178 -14.47 -0.01 -17.48
C PHE A 178 -15.06 -1.42 -17.57
N LYS A 179 -14.52 -2.24 -18.48
CA LYS A 179 -14.88 -3.64 -18.56
C LYS A 179 -13.66 -4.50 -18.23
N GLU A 180 -13.89 -5.54 -17.43
CA GLU A 180 -12.86 -6.49 -17.07
C GLU A 180 -12.52 -7.34 -18.28
N THR A 181 -11.29 -7.29 -18.76
CA THR A 181 -10.99 -7.89 -20.05
C THR A 181 -10.36 -9.27 -19.89
N LYS A 182 -9.81 -9.58 -18.71
CA LYS A 182 -9.13 -10.85 -18.60
C LYS A 182 -8.69 -11.11 -17.16
N LYS A 183 -8.45 -12.39 -16.88
CA LYS A 183 -7.88 -12.80 -15.62
C LYS A 183 -6.56 -13.48 -15.94
N ILE A 184 -5.47 -12.90 -15.46
CA ILE A 184 -4.17 -13.47 -15.76
C ILE A 184 -3.76 -14.35 -14.59
N GLU A 185 -3.55 -15.63 -14.90
CA GLU A 185 -3.09 -16.56 -13.88
C GLU A 185 -1.66 -16.20 -13.49
N VAL A 186 -1.41 -16.00 -12.18
CA VAL A 186 -0.12 -15.55 -11.69
C VAL A 186 0.38 -16.47 -10.57
N GLY A 187 -0.52 -17.20 -9.92
CA GLY A 187 -0.11 -17.92 -8.73
C GLY A 187 -1.00 -17.58 -7.53
N PRO A 188 -0.91 -18.37 -6.42
CA PRO A 188 -1.89 -18.31 -5.34
C PRO A 188 -1.74 -17.10 -4.40
N ASN A 189 -2.89 -16.44 -4.14
CA ASN A 189 -3.03 -15.38 -3.15
C ASN A 189 -2.16 -14.20 -3.56
N PRO A 190 -2.46 -13.54 -4.69
CA PRO A 190 -1.74 -12.33 -5.06
C PRO A 190 -2.11 -11.18 -4.13
N GLY A 191 -1.17 -10.25 -3.96
CA GLY A 191 -1.24 -9.13 -3.04
C GLY A 191 -0.75 -7.84 -3.68
N LYS A 192 0.27 -7.20 -3.04
CA LYS A 192 0.86 -5.96 -3.51
C LYS A 192 1.19 -6.08 -4.99
N ILE A 193 0.67 -5.08 -5.73
CA ILE A 193 0.83 -4.91 -7.17
C ILE A 193 1.22 -3.46 -7.48
N LEU A 194 2.37 -3.25 -8.15
CA LEU A 194 2.95 -1.94 -8.43
C LEU A 194 3.32 -1.93 -9.91
N PRO A 195 3.10 -0.82 -10.65
CA PRO A 195 3.56 -0.72 -12.04
C PRO A 195 5.05 -0.36 -12.06
N GLY A 196 5.79 -0.76 -13.12
CA GLY A 196 7.20 -0.48 -13.26
C GLY A 196 7.52 -0.01 -14.68
N LEU A 197 8.79 -0.11 -15.09
CA LEU A 197 9.19 0.35 -16.41
C LEU A 197 8.70 -0.58 -17.52
N GLU A 198 8.61 -0.03 -18.74
CA GLU A 198 8.36 -0.79 -19.95
C GLU A 198 6.97 -1.42 -19.91
N GLU A 199 6.06 -0.79 -19.18
CA GLU A 199 4.68 -1.24 -19.17
C GLU A 199 4.61 -2.52 -18.34
N ALA A 200 5.55 -2.67 -17.40
CA ALA A 200 5.55 -3.81 -16.51
C ALA A 200 4.56 -3.60 -15.36
N VAL A 201 3.88 -4.69 -14.91
CA VAL A 201 3.21 -4.74 -13.61
C VAL A 201 3.82 -5.88 -12.81
N TYR A 202 4.26 -5.60 -11.56
CA TYR A 202 4.81 -6.58 -10.63
C TYR A 202 3.83 -6.91 -9.52
N VAL A 203 3.67 -8.22 -9.23
CA VAL A 203 2.80 -8.63 -8.14
C VAL A 203 3.51 -9.67 -7.27
N VAL A 204 3.36 -9.58 -5.94
CA VAL A 204 3.72 -10.70 -5.08
C VAL A 204 2.60 -11.76 -5.05
N THR A 205 2.95 -13.06 -5.05
CA THR A 205 1.98 -14.11 -4.71
C THR A 205 2.33 -14.72 -3.35
N ARG A 206 1.34 -14.89 -2.46
CA ARG A 206 1.70 -15.22 -1.10
C ARG A 206 1.55 -16.70 -0.78
N GLY A 207 1.08 -17.48 -1.76
CA GLY A 207 0.91 -18.91 -1.58
C GLY A 207 -0.46 -19.27 -0.98
N THR A 208 -0.82 -20.57 -1.11
CA THR A 208 -2.07 -21.15 -0.63
C THR A 208 -2.14 -21.10 0.91
N ASP A 209 -0.98 -21.16 1.56
CA ASP A 209 -0.94 -20.99 3.00
C ASP A 209 0.18 -20.02 3.39
N ILE A 210 -0.24 -18.87 3.93
CA ILE A 210 0.59 -17.69 4.08
C ILE A 210 1.68 -17.98 5.12
N GLU A 211 1.41 -18.94 6.02
CA GLU A 211 2.35 -19.23 7.09
C GLU A 211 3.55 -20.01 6.56
N ALA A 212 3.33 -20.76 5.46
CA ALA A 212 4.33 -21.63 4.83
C ALA A 212 5.48 -20.82 4.23
N GLY A 213 5.20 -19.66 3.62
CA GLY A 213 6.29 -18.82 3.15
C GLY A 213 6.64 -19.05 1.68
N ASP A 214 5.65 -19.50 0.90
CA ASP A 214 5.77 -19.75 -0.53
C ASP A 214 5.42 -18.46 -1.30
N TYR A 215 6.34 -17.48 -1.19
CA TYR A 215 6.16 -16.13 -1.72
C TYR A 215 6.91 -15.98 -3.03
N HIS A 216 6.22 -15.49 -4.06
CA HIS A 216 6.93 -15.19 -5.30
C HIS A 216 6.66 -13.75 -5.72
N LEU A 217 7.61 -13.18 -6.46
CA LEU A 217 7.30 -11.99 -7.21
C LEU A 217 7.14 -12.43 -8.65
N VAL A 218 6.11 -11.90 -9.30
CA VAL A 218 5.79 -12.24 -10.66
C VAL A 218 5.81 -10.93 -11.43
N LYS A 219 6.34 -10.97 -12.66
CA LYS A 219 6.27 -9.79 -13.53
C LYS A 219 5.28 -10.04 -14.67
N ILE A 220 4.28 -9.17 -14.79
CA ILE A 220 3.36 -9.20 -15.90
C ILE A 220 3.80 -8.21 -16.97
N ASP A 221 3.57 -8.57 -18.23
CA ASP A 221 3.75 -7.65 -19.33
C ASP A 221 2.41 -7.06 -19.70
N SER A 222 2.28 -5.72 -19.61
CA SER A 222 1.00 -5.09 -19.88
C SER A 222 0.69 -4.99 -21.37
N ARG A 223 1.69 -5.08 -22.24
CA ARG A 223 1.39 -5.08 -23.70
C ARG A 223 0.57 -6.30 -24.10
N THR A 224 0.86 -7.46 -23.54
CA THR A 224 0.21 -8.72 -23.98
C THR A 224 -0.70 -9.26 -22.88
N ASP A 225 -0.58 -8.71 -21.68
CA ASP A 225 -1.42 -9.12 -20.56
C ASP A 225 -1.20 -10.61 -20.31
N ALA A 226 0.10 -10.93 -20.23
CA ALA A 226 0.53 -12.26 -19.87
C ALA A 226 1.72 -12.10 -18.92
N VAL A 227 1.99 -13.16 -18.14
CA VAL A 227 3.17 -13.24 -17.30
C VAL A 227 4.42 -13.25 -18.19
N ALA A 228 5.42 -12.45 -17.79
CA ALA A 228 6.71 -12.38 -18.46
C ALA A 228 7.71 -13.29 -17.74
N ILE A 229 7.78 -13.10 -16.42
CA ILE A 229 8.79 -13.72 -15.59
C ILE A 229 8.16 -14.10 -14.25
N THR A 230 8.57 -15.27 -13.76
CA THR A 230 8.36 -15.51 -12.35
C THR A 230 9.71 -15.67 -11.70
N TYR A 231 9.99 -14.86 -10.68
CA TYR A 231 11.28 -14.92 -10.04
C TYR A 231 11.26 -16.07 -9.03
N ASP A 232 12.42 -16.30 -8.44
CA ASP A 232 12.67 -17.36 -7.48
C ASP A 232 12.80 -16.77 -6.08
N GLU A 233 13.09 -15.48 -6.02
CA GLU A 233 13.30 -14.89 -4.72
C GLU A 233 11.98 -14.85 -3.96
N LYS A 234 12.06 -15.20 -2.67
CA LYS A 234 10.93 -15.12 -1.75
C LYS A 234 10.61 -13.67 -1.41
N VAL A 235 9.54 -13.16 -1.99
CA VAL A 235 9.20 -11.77 -1.77
C VAL A 235 7.82 -11.67 -1.14
N LEU A 236 7.71 -11.07 0.04
CA LEU A 236 6.41 -10.77 0.63
C LEU A 236 5.91 -9.37 0.28
N SER A 237 6.75 -8.33 0.28
CA SER A 237 6.35 -7.01 -0.20
C SER A 237 7.56 -6.30 -0.80
N PHE A 238 7.32 -5.37 -1.71
CA PHE A 238 8.40 -4.75 -2.47
C PHE A 238 8.02 -3.33 -2.84
N ALA A 239 9.03 -2.51 -3.14
CA ALA A 239 8.90 -1.22 -3.82
C ALA A 239 9.88 -1.19 -4.99
N ILE A 240 9.45 -0.55 -6.10
CA ILE A 240 10.22 -0.46 -7.33
C ILE A 240 10.85 0.92 -7.47
N ASP A 241 12.13 0.93 -7.91
CA ASP A 241 12.84 2.13 -8.32
C ASP A 241 13.50 1.89 -9.66
N GLY A 242 12.76 2.11 -10.74
CA GLY A 242 13.30 1.64 -12.00
C GLY A 242 13.52 0.13 -11.93
N PRO A 243 14.66 -0.38 -12.45
CA PRO A 243 14.86 -1.83 -12.54
C PRO A 243 15.37 -2.40 -11.23
N ILE A 244 15.25 -1.61 -10.17
CA ILE A 244 15.69 -2.04 -8.86
C ILE A 244 14.47 -2.20 -7.96
N ALA A 245 14.41 -3.29 -7.20
CA ALA A 245 13.34 -3.51 -6.26
C ALA A 245 13.92 -3.55 -4.85
N TYR A 246 13.24 -2.88 -3.92
CA TYR A 246 13.56 -2.97 -2.52
C TYR A 246 12.44 -3.79 -1.86
N LEU A 247 12.81 -4.98 -1.37
CA LEU A 247 11.86 -5.99 -0.92
C LEU A 247 12.24 -6.49 0.45
N TYR A 248 11.25 -7.11 1.07
CA TYR A 248 11.52 -7.92 2.24
C TYR A 248 10.65 -9.15 2.22
N THR A 249 11.05 -10.08 3.09
CA THR A 249 10.34 -11.31 3.33
C THR A 249 10.34 -11.51 4.84
N TYR A 250 9.25 -12.04 5.37
CA TYR A 250 9.11 -12.26 6.83
C TYR A 250 8.54 -13.65 7.08
N ASP A 251 9.05 -14.33 8.10
CA ASP A 251 8.55 -15.68 8.45
C ASP A 251 7.70 -15.58 9.71
N TYR A 252 6.43 -15.89 9.57
CA TYR A 252 5.49 -15.76 10.69
C TYR A 252 5.78 -16.86 11.73
N GLN A 253 6.42 -17.94 11.33
CA GLN A 253 6.65 -19.07 12.26
C GLN A 253 7.95 -18.87 13.02
N THR A 254 8.93 -18.23 12.40
CA THR A 254 10.24 -18.10 13.02
C THR A 254 10.61 -16.65 13.33
N LYS A 255 9.71 -15.70 13.02
CA LYS A 255 9.89 -14.25 13.17
C LYS A 255 11.19 -13.71 12.53
N ASP A 256 11.97 -14.54 11.83
CA ASP A 256 13.14 -14.15 11.04
C ASP A 256 12.68 -13.39 9.79
N SER A 257 13.52 -12.47 9.30
CA SER A 257 13.17 -11.77 8.09
C SER A 257 14.42 -11.27 7.39
N ALA A 258 14.25 -10.78 6.16
CA ALA A 258 15.36 -10.25 5.42
C ALA A 258 14.87 -9.09 4.56
N ASN A 259 15.75 -8.08 4.37
CA ASN A 259 15.49 -6.88 3.58
CA ASN A 259 15.48 -6.90 3.57
C ASN A 259 16.58 -6.82 2.52
N LYS A 260 16.20 -6.71 1.23
CA LYS A 260 17.21 -6.87 0.19
C LYS A 260 17.03 -5.90 -0.96
N VAL A 261 18.11 -5.75 -1.73
CA VAL A 261 18.07 -5.02 -2.98
C VAL A 261 18.17 -6.04 -4.09
N PHE A 262 17.41 -5.83 -5.17
CA PHE A 262 17.20 -6.91 -6.10
C PHE A 262 17.12 -6.38 -7.52
N ASP A 263 17.85 -7.04 -8.41
CA ASP A 263 17.89 -6.57 -9.78
C ASP A 263 16.73 -7.15 -10.57
N LEU A 264 15.78 -6.30 -10.99
CA LEU A 264 14.62 -6.81 -11.71
C LEU A 264 14.97 -7.38 -13.09
N ASN A 265 16.05 -6.90 -13.71
CA ASN A 265 16.42 -7.39 -15.04
C ASN A 265 17.18 -8.70 -14.95
N ALA A 266 18.07 -8.84 -13.96
CA ALA A 266 18.85 -10.06 -13.92
C ALA A 266 18.17 -11.11 -13.02
N GLY A 267 17.20 -10.67 -12.23
CA GLY A 267 16.57 -11.60 -11.30
C GLY A 267 17.53 -12.06 -10.23
N THR A 268 18.50 -11.22 -9.85
CA THR A 268 19.50 -11.62 -8.86
C THR A 268 19.55 -10.58 -7.73
N VAL A 269 20.01 -11.03 -6.54
CA VAL A 269 20.20 -10.15 -5.38
C VAL A 269 21.40 -9.23 -5.63
N ILE A 270 21.20 -7.93 -5.39
CA ILE A 270 22.30 -6.98 -5.49
C ILE A 270 22.98 -6.92 -4.13
N ARG A 271 22.19 -6.87 -3.07
CA ARG A 271 22.79 -6.84 -1.75
C ARG A 271 21.89 -7.66 -0.84
N ASP A 272 22.50 -8.57 -0.10
CA ASP A 272 21.71 -9.56 0.59
C ASP A 272 21.10 -8.95 1.84
N ASN A 273 21.71 -7.85 2.27
CA ASN A 273 21.14 -7.10 3.36
C ASN A 273 21.11 -5.62 2.94
N PHE A 274 19.91 -5.13 2.62
CA PHE A 274 19.73 -3.73 2.27
C PHE A 274 20.38 -2.85 3.33
N ILE A 275 20.13 -3.16 4.62
CA ILE A 275 20.60 -2.35 5.73
C ILE A 275 22.08 -2.61 5.94
N THR A 276 22.90 -1.54 5.99
CA THR A 276 24.35 -1.71 5.96
C THR A 276 25.02 -1.18 7.23
N ASP A 277 24.23 -0.69 8.19
CA ASP A 277 24.75 0.04 9.33
C ASP A 277 24.31 -0.66 10.61
N GLY A 278 23.60 -1.77 10.45
CA GLY A 278 23.26 -2.64 11.57
C GLY A 278 22.02 -2.21 12.34
N THR A 279 21.14 -1.44 11.70
CA THR A 279 19.86 -1.08 12.31
C THR A 279 18.94 -2.31 12.29
N ALA A 280 18.45 -2.74 13.47
CA ALA A 280 17.52 -3.85 13.64
C ALA A 280 16.06 -3.47 13.30
N ILE A 281 15.37 -4.32 12.54
CA ILE A 281 13.93 -4.22 12.43
C ILE A 281 13.30 -5.57 12.80
N GLN A 282 12.42 -5.59 13.81
CA GLN A 282 11.78 -6.82 14.26
C GLN A 282 10.69 -7.22 13.27
N THR A 283 9.86 -6.24 12.89
CA THR A 283 8.67 -6.58 12.13
C THR A 283 8.50 -5.58 11.00
N PRO A 284 9.24 -5.77 9.88
CA PRO A 284 9.12 -4.84 8.75
C PRO A 284 7.65 -4.92 8.33
N PHE A 285 6.99 -3.79 8.10
CA PHE A 285 5.53 -3.84 8.00
C PHE A 285 5.03 -3.13 6.74
N SER A 286 5.90 -2.36 6.10
CA SER A 286 5.61 -1.79 4.78
C SER A 286 6.95 -1.37 4.19
N ILE A 287 7.00 -1.10 2.89
CA ILE A 287 8.25 -0.64 2.30
C ILE A 287 7.83 0.15 1.08
N GLN A 288 8.44 1.33 0.90
CA GLN A 288 8.05 2.24 -0.16
C GLN A 288 9.18 3.25 -0.37
N LEU A 289 9.22 3.82 -1.58
CA LEU A 289 10.20 4.86 -1.92
C LEU A 289 9.61 6.25 -1.68
N ASN A 290 10.44 7.16 -1.18
CA ASN A 290 10.08 8.57 -1.30
C ASN A 290 10.44 8.99 -2.73
N PRO A 291 9.47 9.27 -3.63
CA PRO A 291 9.81 9.54 -5.02
C PRO A 291 10.58 10.85 -5.25
N PHE A 292 10.61 11.75 -4.26
CA PHE A 292 11.21 13.06 -4.48
C PHE A 292 12.69 13.03 -4.14
N SER A 293 13.10 12.01 -3.39
CA SER A 293 14.46 11.91 -2.91
C SER A 293 15.08 10.55 -3.23
N GLY A 294 14.24 9.53 -3.46
CA GLY A 294 14.68 8.16 -3.67
C GLY A 294 15.05 7.43 -2.38
N ASN A 295 14.74 8.00 -1.19
CA ASN A 295 14.93 7.23 0.04
C ASN A 295 13.92 6.09 0.17
N ILE A 296 14.28 5.13 1.05
CA ILE A 296 13.45 3.96 1.29
C ILE A 296 12.86 4.08 2.69
N TYR A 297 11.51 4.00 2.74
CA TYR A 297 10.77 4.04 4.00
C TYR A 297 10.23 2.63 4.35
N ILE A 298 10.61 2.15 5.55
CA ILE A 298 10.14 0.88 6.07
C ILE A 298 9.47 1.16 7.41
N THR A 299 8.39 0.44 7.72
CA THR A 299 7.78 0.57 9.03
C THR A 299 8.06 -0.65 9.91
N GLU A 300 8.14 -0.38 11.22
CA GLU A 300 8.40 -1.33 12.28
C GLU A 300 7.10 -1.48 13.07
N ALA A 301 6.51 -2.67 13.04
CA ALA A 301 5.31 -2.89 13.83
C ALA A 301 5.58 -3.64 15.13
N TYR A 302 6.81 -4.09 15.40
CA TYR A 302 7.03 -4.76 16.68
C TYR A 302 6.02 -5.92 16.77
N ASN A 303 5.37 -6.10 17.91
CA ASN A 303 4.48 -7.25 18.09
C ASN A 303 3.00 -6.89 17.90
N TYR A 304 2.70 -5.83 17.13
CA TYR A 304 1.37 -5.53 16.64
C TYR A 304 0.49 -4.91 17.71
N THR A 305 1.01 -4.81 18.96
CA THR A 305 0.19 -4.30 20.05
C THR A 305 0.88 -3.14 20.78
N VAL A 306 2.03 -2.67 20.27
CA VAL A 306 2.62 -1.41 20.74
C VAL A 306 2.76 -0.50 19.52
N LYS A 307 2.95 0.81 19.73
CA LYS A 307 3.02 1.73 18.60
C LYS A 307 4.30 1.49 17.79
N GLY A 308 4.18 1.65 16.47
CA GLY A 308 5.28 1.33 15.55
C GLY A 308 6.07 2.58 15.18
N ASP A 309 7.14 2.39 14.41
CA ASP A 309 8.06 3.44 14.05
C ASP A 309 8.18 3.56 12.54
N VAL A 310 8.68 4.73 12.05
CA VAL A 310 8.97 4.95 10.65
C VAL A 310 10.48 5.12 10.51
N LEU A 311 11.07 4.45 9.52
CA LEU A 311 12.50 4.48 9.34
C LEU A 311 12.84 4.92 7.92
N CYS A 312 13.74 5.89 7.83
CA CYS A 312 14.19 6.46 6.55
C CYS A 312 15.63 6.04 6.26
N PHE A 313 15.81 5.29 5.16
CA PHE A 313 17.14 4.83 4.74
C PHE A 313 17.51 5.47 3.40
N ASN A 314 18.79 5.81 3.26
CA ASN A 314 19.29 6.12 1.94
C ASN A 314 19.35 4.81 1.18
N GLN A 315 19.55 4.89 -0.14
CA GLN A 315 19.63 3.69 -0.94
C GLN A 315 20.83 2.80 -0.62
N GLN A 316 21.78 3.26 0.22
CA GLN A 316 22.92 2.43 0.59
C GLN A 316 22.66 1.78 1.93
N GLY A 317 21.46 1.93 2.48
CA GLY A 317 21.06 1.16 3.64
C GLY A 317 21.60 1.72 4.94
N GLN A 318 21.95 3.01 4.92
CA GLN A 318 22.20 3.78 6.13
C GLN A 318 20.92 4.47 6.57
N LEU A 319 20.63 4.39 7.86
CA LEU A 319 19.42 5.03 8.37
C LEU A 319 19.66 6.54 8.47
N GLN A 320 18.80 7.32 7.80
CA GLN A 320 18.81 8.78 7.94
C GLN A 320 18.30 9.17 9.34
N TYR A 321 17.03 8.88 9.61
CA TYR A 321 16.45 9.24 10.90
C TYR A 321 15.38 8.21 11.15
N ARG A 322 14.76 8.20 12.33
CA ARG A 322 13.54 7.45 12.54
C ARG A 322 12.56 8.25 13.42
N LEU A 323 11.25 8.08 13.18
CA LEU A 323 10.18 8.61 14.03
C LEU A 323 9.54 7.45 14.77
N ASN A 324 9.63 7.46 16.11
CA ASN A 324 9.21 6.38 16.97
C ASN A 324 7.82 6.69 17.56
N ASP A 325 6.98 5.65 17.75
CA ASP A 325 5.65 5.72 18.34
C ASP A 325 4.74 6.61 17.49
N ILE A 326 4.78 6.41 16.18
CA ILE A 326 4.11 7.28 15.24
C ILE A 326 2.63 6.96 15.22
N GLY A 327 2.32 5.67 15.44
CA GLY A 327 0.96 5.16 15.38
C GLY A 327 0.93 3.66 15.69
N LEU A 328 -0.28 3.11 15.69
CA LEU A 328 -0.39 1.68 15.96
C LEU A 328 -0.50 0.93 14.63
N ASN A 329 0.58 0.18 14.36
CA ASN A 329 0.77 -0.65 13.18
C ASN A 329 0.80 0.22 11.92
N PRO A 330 1.83 1.09 11.77
CA PRO A 330 1.98 1.90 10.56
C PRO A 330 2.29 1.04 9.33
N ASN A 331 1.45 1.19 8.31
CA ASN A 331 1.47 0.32 7.16
C ASN A 331 1.67 1.09 5.84
N THR A 332 1.59 2.43 5.82
CA THR A 332 1.85 3.15 4.58
C THR A 332 2.43 4.53 4.88
N VAL A 333 3.41 4.94 4.05
CA VAL A 333 3.99 6.25 4.13
C VAL A 333 3.88 6.92 2.77
N VAL A 334 3.36 8.17 2.79
CA VAL A 334 3.20 8.96 1.58
C VAL A 334 3.79 10.39 1.72
N PHE A 335 3.97 11.06 0.57
CA PHE A 335 4.86 12.21 0.47
C PHE A 335 4.27 13.31 -0.39
N SER A 336 4.40 14.55 0.10
CA SER A 336 4.00 15.71 -0.67
C SER A 336 5.21 16.64 -0.85
N ASP A 337 5.38 17.12 -2.09
CA ASP A 337 6.45 18.08 -2.30
C ASP A 337 5.88 19.48 -2.06
N LYS A 338 4.62 19.58 -1.62
CA LYS A 338 3.98 20.89 -1.43
C LYS A 338 3.31 20.91 -0.07
N ALA A 339 3.55 21.98 0.68
CA ALA A 339 3.06 22.04 2.06
C ALA A 339 1.54 22.26 2.05
N SER A 340 0.89 21.66 3.04
CA SER A 340 -0.51 21.95 3.20
C SER A 340 -0.60 23.33 3.84
N GLN A 341 -1.72 24.01 3.67
CA GLN A 341 -1.81 25.35 4.19
C GLN A 341 -2.17 25.21 5.67
N ASN A 342 -1.52 24.27 6.36
CA ASN A 342 -1.98 23.85 7.68
C ASN A 342 -0.83 23.92 8.68
#